data_2BWX
#
_entry.id   2BWX
#
_cell.length_a   177.252
_cell.length_b   177.252
_cell.length_c   96.770
_cell.angle_alpha   90.00
_cell.angle_beta   90.00
_cell.angle_gamma   120.00
#
_symmetry.space_group_name_H-M   'P 64 2 2'
#
loop_
_entity.id
_entity.type
_entity.pdbx_description
1 polymer 'AMINOPEPTIDASE P'
2 non-polymer 'MANGANESE (II) ION'
3 non-polymer 'CHLORIDE ION'
4 water water
#
_entity_poly.entity_id   1
_entity_poly.type   'polypeptide(L)'
_entity_poly.pdbx_seq_one_letter_code
;SEISRQEFQRRRQALVEQMQPGSAALIFAAPEVTRSADSEYPYRQNSDFWYFTGFNEPEAVLVLIKSDDTHNHSVLFNRV
RDLTAEIWFGRRLGQDAAPEKLGVDRALAFSEINQQLYQLLNGLDVVYHAQGEYAYADVIVNSALEKLRKGSRQNLTAPA
TMIDWRPVVHEMRLFKSPEEIAVLRRAGEITAMAHTRAMEKCRPGMFEYHLEGEIHHEFNRHGARYPSYNTIVGSGENGC
ILHYTENECEMRDGDLVLIDAGCEYKGYAGDITRTFPVNGKFTQAQREIYDIVLESLETSLRLYRPGTSILEVTGEVVRI
MVSGLVKLGILKGDVDELIAQNAHRPFFMHGLSAWLGLDVHDVGVYGQDRSRILEPGMVLTVEPGLYIAPDAEVPEQYRG
IGIRIEDDIVITETGNENLTASVVKKPEEIEALMVAARKQ
;
_entity_poly.pdbx_strand_id   A
#
loop_
_chem_comp.id
_chem_comp.type
_chem_comp.name
_chem_comp.formula
CL non-polymer 'CHLORIDE ION' 'Cl -1'
MN non-polymer 'MANGANESE (II) ION' 'Mn 2'
#
# COMPACT_ATOMS: atom_id res chain seq x y z
N SER A 1 -14.70 -11.71 0.47
CA SER A 1 -14.98 -10.26 0.28
C SER A 1 -14.19 -9.77 -0.90
N GLU A 2 -14.85 -9.05 -1.79
CA GLU A 2 -14.19 -8.39 -2.88
C GLU A 2 -14.96 -7.13 -3.27
N ILE A 3 -14.54 -6.52 -4.39
CA ILE A 3 -15.22 -5.36 -4.94
C ILE A 3 -15.97 -5.73 -6.21
N SER A 4 -17.24 -5.34 -6.23
CA SER A 4 -18.20 -5.70 -7.27
CA SER A 4 -18.20 -5.70 -7.28
C SER A 4 -18.23 -4.68 -8.41
N ARG A 5 -18.74 -5.12 -9.56
CA ARG A 5 -19.00 -4.23 -10.69
C ARG A 5 -19.76 -2.97 -10.27
N GLN A 6 -20.78 -3.15 -9.43
CA GLN A 6 -21.63 -2.04 -9.01
CA GLN A 6 -21.63 -2.02 -9.02
C GLN A 6 -20.82 -0.99 -8.25
N GLU A 7 -19.87 -1.44 -7.44
CA GLU A 7 -19.01 -0.52 -6.71
C GLU A 7 -18.06 0.26 -7.62
N PHE A 8 -17.44 -0.43 -8.58
CA PHE A 8 -16.62 0.26 -9.57
C PHE A 8 -17.44 1.34 -10.28
N GLN A 9 -18.67 1.01 -10.66
CA GLN A 9 -19.60 1.97 -11.27
C GLN A 9 -19.92 3.16 -10.34
N ARG A 10 -20.18 2.90 -9.06
CA ARG A 10 -20.41 3.99 -8.09
C ARG A 10 -19.20 4.93 -8.01
N ARG A 11 -18.01 4.35 -8.03
CA ARG A 11 -16.79 5.14 -8.03
C ARG A 11 -16.68 6.04 -9.26
N ARG A 12 -16.91 5.45 -10.43
CA ARG A 12 -16.92 6.23 -11.68
C ARG A 12 -17.92 7.38 -11.59
N GLN A 13 -19.12 7.09 -11.08
CA GLN A 13 -20.14 8.11 -10.92
C GLN A 13 -19.76 9.22 -9.94
N ALA A 14 -19.10 8.84 -8.85
CA ALA A 14 -18.64 9.78 -7.85
C ALA A 14 -17.59 10.74 -8.43
N LEU A 15 -16.73 10.22 -9.31
CA LEU A 15 -15.76 11.05 -10.00
C LEU A 15 -16.48 12.00 -10.96
N VAL A 16 -17.41 11.45 -11.73
CA VAL A 16 -18.18 12.24 -12.68
C VAL A 16 -18.92 13.38 -11.97
N GLU A 17 -19.45 13.09 -10.77
CA GLU A 17 -20.13 14.11 -9.96
C GLU A 17 -19.23 15.32 -9.67
N GLN A 18 -17.93 15.07 -9.53
CA GLN A 18 -16.95 16.11 -9.23
C GLN A 18 -16.38 16.82 -10.47
N MET A 19 -16.65 16.30 -11.66
CA MET A 19 -16.15 16.87 -12.89
C MET A 19 -16.99 18.04 -13.41
N GLN A 20 -16.35 18.97 -14.14
CA GLN A 20 -17.08 20.05 -14.78
C GLN A 20 -17.93 19.50 -15.90
N PRO A 21 -19.09 20.13 -16.18
CA PRO A 21 -19.81 19.75 -17.39
C PRO A 21 -18.94 20.07 -18.61
N GLY A 22 -19.09 19.29 -19.67
CA GLY A 22 -18.28 19.46 -20.87
C GLY A 22 -16.84 19.03 -20.64
N SER A 23 -16.69 17.84 -20.06
CA SER A 23 -15.35 17.34 -19.74
C SER A 23 -15.22 15.83 -19.92
N ALA A 24 -13.98 15.39 -20.01
CA ALA A 24 -13.64 13.95 -20.03
C ALA A 24 -12.45 13.64 -19.12
N ALA A 25 -12.54 12.52 -18.39
CA ALA A 25 -11.47 12.00 -17.57
C ALA A 25 -10.85 10.77 -18.24
N LEU A 26 -9.53 10.74 -18.29
CA LEU A 26 -8.78 9.69 -18.97
C LEU A 26 -7.96 8.95 -17.93
N ILE A 27 -8.20 7.66 -17.78
CA ILE A 27 -7.48 6.85 -16.79
C ILE A 27 -6.81 5.66 -17.52
N PHE A 28 -5.49 5.62 -17.45
CA PHE A 28 -4.68 4.69 -18.25
C PHE A 28 -4.21 3.48 -17.42
N ALA A 29 -4.19 2.31 -18.06
CA ALA A 29 -3.65 1.11 -17.43
C ALA A 29 -2.11 1.14 -17.32
N ALA A 30 -1.57 0.35 -16.39
CA ALA A 30 -0.12 0.22 -16.28
C ALA A 30 0.44 -0.49 -17.51
N PRO A 31 1.64 -0.10 -17.94
CA PRO A 31 2.34 -0.89 -18.94
C PRO A 31 2.83 -2.21 -18.35
N GLU A 32 2.96 -3.22 -19.21
CA GLU A 32 3.71 -4.43 -18.85
C GLU A 32 5.17 -4.05 -18.65
N VAL A 33 5.87 -4.85 -17.86
CA VAL A 33 7.21 -4.51 -17.37
C VAL A 33 8.14 -5.72 -17.59
N THR A 34 9.25 -5.51 -18.28
CA THR A 34 10.27 -6.53 -18.50
C THR A 34 10.98 -6.90 -17.19
N ARG A 35 11.14 -8.20 -16.95
CA ARG A 35 12.03 -8.69 -15.92
C ARG A 35 13.42 -8.95 -16.50
N SER A 36 13.48 -9.77 -17.55
CA SER A 36 14.72 -10.03 -18.28
C SER A 36 14.38 -10.50 -19.68
N ALA A 37 15.03 -9.87 -20.66
CA ALA A 37 14.91 -10.27 -22.05
C ALA A 37 13.42 -10.29 -22.44
N ASP A 38 12.90 -11.45 -22.84
CA ASP A 38 11.51 -11.57 -23.26
C ASP A 38 10.54 -11.97 -22.14
N SER A 39 11.02 -12.05 -20.91
CA SER A 39 10.14 -12.39 -19.79
C SER A 39 9.71 -11.13 -19.04
N GLU A 40 8.42 -11.05 -18.76
CA GLU A 40 7.85 -9.93 -18.01
CA GLU A 40 7.85 -9.93 -18.01
C GLU A 40 7.59 -10.32 -16.57
N TYR A 41 7.59 -9.33 -15.70
CA TYR A 41 7.15 -9.49 -14.33
C TYR A 41 5.66 -9.82 -14.35
N PRO A 42 5.15 -10.49 -13.30
CA PRO A 42 3.71 -10.66 -13.17
C PRO A 42 3.02 -9.29 -13.16
N TYR A 43 1.95 -9.17 -13.94
CA TYR A 43 1.32 -7.87 -14.20
C TYR A 43 0.70 -7.31 -12.93
N ARG A 44 0.97 -6.03 -12.69
CA ARG A 44 0.30 -5.28 -11.63
C ARG A 44 -0.38 -4.06 -12.23
N GLN A 45 -1.71 -4.05 -12.15
CA GLN A 45 -2.49 -2.96 -12.69
C GLN A 45 -2.20 -1.69 -11.90
N ASN A 46 -2.26 -0.55 -12.59
CA ASN A 46 -2.19 0.76 -11.97
C ASN A 46 -3.33 0.86 -10.94
N SER A 47 -3.01 1.32 -9.73
CA SER A 47 -3.99 1.33 -8.63
C SER A 47 -5.21 2.20 -8.93
N ASP A 48 -5.00 3.37 -9.54
CA ASP A 48 -6.12 4.25 -9.88
C ASP A 48 -7.01 3.65 -10.98
N PHE A 49 -6.38 3.08 -12.00
CA PHE A 49 -7.13 2.38 -13.05
C PHE A 49 -7.92 1.21 -12.47
N TRP A 50 -7.27 0.43 -11.60
CA TRP A 50 -7.93 -0.68 -10.90
C TRP A 50 -9.17 -0.17 -10.11
N TYR A 51 -8.94 0.88 -9.34
CA TYR A 51 -9.95 1.49 -8.47
C TYR A 51 -11.26 1.77 -9.23
N PHE A 52 -11.14 2.21 -10.49
CA PHE A 52 -12.33 2.50 -11.31
C PHE A 52 -12.83 1.37 -12.21
N THR A 53 -12.16 0.22 -12.22
CA THR A 53 -12.48 -0.88 -13.19
C THR A 53 -12.46 -2.31 -12.70
N GLY A 54 -11.55 -2.65 -11.79
CA GLY A 54 -11.27 -4.04 -11.46
C GLY A 54 -10.81 -4.84 -12.69
N PHE A 55 -10.18 -4.17 -13.66
CA PHE A 55 -9.82 -4.80 -14.95
C PHE A 55 -8.30 -4.96 -14.98
N ASN A 56 -7.84 -6.20 -15.16
CA ASN A 56 -6.42 -6.53 -14.99
C ASN A 56 -5.64 -6.74 -16.28
N GLU A 57 -5.92 -5.94 -17.31
CA GLU A 57 -5.18 -6.00 -18.57
C GLU A 57 -4.43 -4.69 -18.84
N PRO A 58 -3.27 -4.80 -19.51
CA PRO A 58 -2.56 -3.64 -20.02
C PRO A 58 -3.24 -3.17 -21.32
N GLU A 59 -2.74 -2.08 -21.89
CA GLU A 59 -3.27 -1.52 -23.13
C GLU A 59 -4.78 -1.28 -23.04
N ALA A 60 -5.15 -0.54 -22.01
CA ALA A 60 -6.54 -0.20 -21.71
C ALA A 60 -6.59 1.23 -21.17
N VAL A 61 -7.66 1.92 -21.55
CA VAL A 61 -7.90 3.29 -21.15
C VAL A 61 -9.40 3.47 -20.89
N LEU A 62 -9.72 3.97 -19.70
CA LEU A 62 -11.08 4.33 -19.32
C LEU A 62 -11.28 5.83 -19.61
N VAL A 63 -12.36 6.12 -20.34
CA VAL A 63 -12.72 7.48 -20.68
C VAL A 63 -14.12 7.75 -20.13
N LEU A 64 -14.19 8.68 -19.19
CA LEU A 64 -15.48 9.13 -18.61
C LEU A 64 -15.83 10.48 -19.18
N ILE A 65 -16.94 10.53 -19.92
CA ILE A 65 -17.37 11.74 -20.57
C ILE A 65 -18.57 12.36 -19.86
N LYS A 66 -18.42 13.59 -19.39
CA LYS A 66 -19.53 14.31 -18.77
C LYS A 66 -19.96 15.40 -19.74
N SER A 67 -20.99 15.10 -20.51
CA SER A 67 -21.47 16.01 -21.55
C SER A 67 -22.07 17.27 -20.91
N ASP A 68 -22.81 17.05 -19.83
CA ASP A 68 -23.35 18.14 -19.03
C ASP A 68 -23.73 17.57 -17.66
N ASP A 69 -24.51 18.31 -16.87
CA ASP A 69 -24.77 17.91 -15.48
C ASP A 69 -25.75 16.75 -15.32
N THR A 70 -26.42 16.34 -16.39
CA THR A 70 -27.28 15.14 -16.35
C THR A 70 -26.77 13.98 -17.21
N HIS A 71 -26.11 14.31 -18.31
CA HIS A 71 -25.69 13.30 -19.28
C HIS A 71 -24.20 12.99 -19.18
N ASN A 72 -23.89 11.71 -18.98
CA ASN A 72 -22.52 11.24 -19.00
C ASN A 72 -22.50 9.79 -19.46
N HIS A 73 -21.33 9.35 -19.91
CA HIS A 73 -21.16 7.98 -20.35
C HIS A 73 -19.67 7.58 -20.28
N SER A 74 -19.43 6.29 -20.42
CA SER A 74 -18.08 5.74 -20.33
C SER A 74 -17.71 4.96 -21.58
N VAL A 75 -16.44 5.10 -21.98
CA VAL A 75 -15.86 4.36 -23.08
C VAL A 75 -14.58 3.69 -22.58
N LEU A 76 -14.46 2.39 -22.79
CA LEU A 76 -13.22 1.66 -22.50
C LEU A 76 -12.52 1.36 -23.83
N PHE A 77 -11.24 1.69 -23.91
CA PHE A 77 -10.35 1.16 -24.94
C PHE A 77 -9.63 -0.03 -24.32
N ASN A 78 -9.61 -1.17 -25.01
CA ASN A 78 -8.95 -2.35 -24.48
C ASN A 78 -8.56 -3.26 -25.64
N ARG A 79 -7.69 -4.24 -25.37
CA ARG A 79 -7.21 -5.12 -26.44
C ARG A 79 -8.34 -5.91 -27.08
N VAL A 80 -8.27 -5.99 -28.41
CA VAL A 80 -9.23 -6.75 -29.20
C VAL A 80 -9.09 -8.26 -28.94
N ARG A 81 -10.18 -9.01 -29.09
CA ARG A 81 -10.09 -10.48 -29.25
C ARG A 81 -9.18 -10.81 -30.42
N ASP A 82 -8.31 -11.78 -30.21
CA ASP A 82 -7.42 -12.25 -31.26
C ASP A 82 -7.07 -13.69 -30.95
N LEU A 83 -7.56 -14.60 -31.77
CA LEU A 83 -7.38 -16.04 -31.53
C LEU A 83 -5.92 -16.40 -31.28
N THR A 84 -5.04 -15.97 -32.19
CA THR A 84 -3.61 -16.33 -32.09
C THR A 84 -2.94 -15.76 -30.84
N ALA A 85 -3.10 -14.46 -30.61
CA ALA A 85 -2.49 -13.81 -29.43
C ALA A 85 -2.97 -14.46 -28.13
N GLU A 86 -4.23 -14.93 -28.14
CA GLU A 86 -4.84 -15.54 -26.99
C GLU A 86 -4.40 -16.99 -26.77
N ILE A 87 -4.32 -17.80 -27.84
CA ILE A 87 -3.69 -19.13 -27.76
C ILE A 87 -2.29 -19.02 -27.13
N TRP A 88 -1.54 -18.00 -27.53
CA TRP A 88 -0.20 -17.82 -27.02
C TRP A 88 -0.15 -17.27 -25.59
N PHE A 89 -0.83 -16.15 -25.35
CA PHE A 89 -0.53 -15.32 -24.17
C PHE A 89 -1.68 -15.14 -23.18
N GLY A 90 -2.85 -15.65 -23.53
CA GLY A 90 -3.97 -15.64 -22.61
C GLY A 90 -5.18 -14.94 -23.16
N ARG A 91 -6.28 -15.17 -22.47
CA ARG A 91 -7.56 -14.68 -22.91
C ARG A 91 -7.62 -13.16 -22.71
N ARG A 92 -8.39 -12.54 -23.58
CA ARG A 92 -8.63 -11.10 -23.52
C ARG A 92 -10.12 -10.91 -23.43
N LEU A 93 -10.52 -9.88 -22.70
CA LEU A 93 -11.91 -9.56 -22.54
C LEU A 93 -12.53 -9.19 -23.88
N GLY A 94 -11.86 -8.31 -24.63
CA GLY A 94 -12.38 -7.85 -25.91
C GLY A 94 -13.47 -6.81 -25.79
N GLN A 95 -14.02 -6.40 -26.93
CA GLN A 95 -15.00 -5.29 -26.96
C GLN A 95 -16.44 -5.73 -26.72
N ASP A 96 -16.81 -6.92 -27.20
CA ASP A 96 -18.20 -7.38 -27.11
C ASP A 96 -18.65 -7.61 -25.67
N ALA A 97 -17.78 -8.26 -24.89
CA ALA A 97 -18.12 -8.65 -23.52
C ALA A 97 -17.86 -7.55 -22.47
N ALA A 98 -17.06 -6.53 -22.82
CA ALA A 98 -16.64 -5.54 -21.83
C ALA A 98 -17.78 -4.72 -21.21
N PRO A 99 -18.70 -4.19 -22.03
CA PRO A 99 -19.77 -3.38 -21.43
C PRO A 99 -20.54 -4.10 -20.29
N GLU A 100 -20.95 -5.34 -20.51
CA GLU A 100 -21.67 -6.08 -19.47
C GLU A 100 -20.77 -6.48 -18.30
N LYS A 101 -19.56 -6.94 -18.62
CA LYS A 101 -18.63 -7.43 -17.62
C LYS A 101 -18.16 -6.33 -16.66
N LEU A 102 -17.80 -5.18 -17.23
CA LEU A 102 -17.25 -4.05 -16.45
C LEU A 102 -18.28 -2.97 -16.11
N GLY A 103 -19.41 -2.94 -16.81
CA GLY A 103 -20.42 -1.93 -16.58
C GLY A 103 -20.11 -0.59 -17.23
N VAL A 104 -19.42 -0.62 -18.35
CA VAL A 104 -19.16 0.57 -19.15
C VAL A 104 -20.12 0.61 -20.32
N ASP A 105 -20.34 1.80 -20.87
CA ASP A 105 -21.35 1.98 -21.91
C ASP A 105 -20.90 1.47 -23.27
N ARG A 106 -19.62 1.64 -23.58
CA ARG A 106 -19.06 1.30 -24.89
C ARG A 106 -17.64 0.81 -24.72
N ALA A 107 -17.22 -0.07 -25.63
CA ALA A 107 -15.83 -0.50 -25.68
C ALA A 107 -15.30 -0.47 -27.11
N LEU A 108 -14.06 -0.01 -27.26
CA LEU A 108 -13.37 0.13 -28.54
C LEU A 108 -11.99 -0.50 -28.47
N ALA A 109 -11.44 -0.86 -29.62
CA ALA A 109 -10.11 -1.48 -29.67
C ALA A 109 -9.04 -0.46 -29.31
N PHE A 110 -8.10 -0.87 -28.46
CA PHE A 110 -6.96 -0.02 -28.07
C PHE A 110 -6.17 0.40 -29.31
N SER A 111 -6.08 -0.50 -30.29
CA SER A 111 -5.39 -0.21 -31.54
C SER A 111 -5.96 1.02 -32.28
N GLU A 112 -7.19 1.41 -31.95
CA GLU A 112 -7.87 2.55 -32.59
C GLU A 112 -7.83 3.84 -31.76
N ILE A 113 -7.13 3.82 -30.64
CA ILE A 113 -7.20 4.94 -29.70
C ILE A 113 -6.78 6.29 -30.33
N ASN A 114 -5.75 6.27 -31.17
CA ASN A 114 -5.31 7.51 -31.81
C ASN A 114 -6.30 8.01 -32.86
N GLN A 115 -7.07 7.08 -33.44
CA GLN A 115 -8.09 7.45 -34.43
C GLN A 115 -9.39 7.93 -33.77
N GLN A 116 -9.57 7.58 -32.49
CA GLN A 116 -10.83 7.84 -31.79
C GLN A 116 -10.77 8.83 -30.63
N LEU A 117 -9.65 8.86 -29.91
CA LEU A 117 -9.59 9.68 -28.69
C LEU A 117 -9.86 11.16 -28.97
N TYR A 118 -9.23 11.72 -29.99
CA TYR A 118 -9.44 13.15 -30.32
C TYR A 118 -10.92 13.45 -30.62
N GLN A 119 -11.62 12.48 -31.21
CA GLN A 119 -13.05 12.64 -31.50
C GLN A 119 -13.90 12.74 -30.23
N LEU A 120 -13.49 12.01 -29.19
CA LEU A 120 -14.15 12.06 -27.89
C LEU A 120 -13.87 13.36 -27.15
N LEU A 121 -12.69 13.94 -27.34
CA LEU A 121 -12.30 15.18 -26.65
C LEU A 121 -12.72 16.45 -27.41
N ASN A 122 -13.02 16.31 -28.70
CA ASN A 122 -13.38 17.43 -29.55
C ASN A 122 -14.53 18.22 -28.94
N GLY A 123 -14.34 19.53 -28.77
CA GLY A 123 -15.43 20.39 -28.29
C GLY A 123 -15.60 20.44 -26.78
N LEU A 124 -14.90 19.59 -26.03
CA LEU A 124 -14.95 19.65 -24.58
C LEU A 124 -14.18 20.86 -24.06
N ASP A 125 -14.52 21.29 -22.83
CA ASP A 125 -13.84 22.41 -22.18
C ASP A 125 -12.64 21.95 -21.34
N VAL A 126 -12.75 20.77 -20.74
CA VAL A 126 -11.79 20.28 -19.75
C VAL A 126 -11.43 18.83 -20.00
N VAL A 127 -10.15 18.50 -19.91
CA VAL A 127 -9.70 17.11 -19.88
C VAL A 127 -9.02 16.85 -18.54
N TYR A 128 -9.42 15.77 -17.87
CA TYR A 128 -8.76 15.35 -16.65
C TYR A 128 -7.78 14.25 -17.04
N HIS A 129 -6.50 14.52 -16.77
CA HIS A 129 -5.39 13.63 -17.14
C HIS A 129 -4.28 13.74 -16.10
N ALA A 130 -3.80 12.58 -15.64
CA ALA A 130 -2.66 12.48 -14.73
C ALA A 130 -1.34 12.62 -15.52
N GLN A 131 -0.99 13.86 -15.87
CA GLN A 131 0.17 14.11 -16.70
C GLN A 131 1.43 13.63 -16.01
N GLY A 132 2.26 12.90 -16.73
CA GLY A 132 3.50 12.40 -16.17
C GLY A 132 3.41 11.07 -15.45
N GLU A 133 2.21 10.51 -15.33
CA GLU A 133 2.05 9.19 -14.71
C GLU A 133 2.77 8.12 -15.56
N TYR A 134 2.45 8.08 -16.85
CA TYR A 134 3.08 7.18 -17.83
C TYR A 134 3.43 7.90 -19.12
N ALA A 135 4.63 7.64 -19.63
CA ALA A 135 5.06 8.23 -20.90
C ALA A 135 4.13 7.85 -22.04
N TYR A 136 3.72 6.58 -22.11
CA TYR A 136 2.92 6.13 -23.23
C TYR A 136 1.56 6.86 -23.25
N ALA A 137 1.05 7.13 -22.05
CA ALA A 137 -0.23 7.82 -21.86
C ALA A 137 -0.13 9.29 -22.28
N ASP A 138 0.93 9.96 -21.82
CA ASP A 138 1.20 11.33 -22.22
C ASP A 138 1.32 11.47 -23.73
N VAL A 139 2.00 10.52 -24.37
CA VAL A 139 2.10 10.55 -25.83
C VAL A 139 0.71 10.52 -26.49
N ILE A 140 -0.14 9.62 -26.02
CA ILE A 140 -1.49 9.48 -26.58
C ILE A 140 -2.32 10.75 -26.37
N VAL A 141 -2.28 11.29 -25.16
CA VAL A 141 -3.07 12.46 -24.83
C VAL A 141 -2.55 13.69 -25.62
N ASN A 142 -1.24 13.88 -25.63
CA ASN A 142 -0.66 15.05 -26.30
C ASN A 142 -0.94 15.00 -27.81
N SER A 143 -0.91 13.81 -28.41
CA SER A 143 -1.18 13.65 -29.83
CA SER A 143 -1.18 13.64 -29.83
C SER A 143 -2.63 14.01 -30.17
N ALA A 144 -3.56 13.56 -29.32
CA ALA A 144 -4.98 13.87 -29.51
C ALA A 144 -5.23 15.39 -29.41
N LEU A 145 -4.65 16.02 -28.41
CA LEU A 145 -4.82 17.47 -28.22
C LEU A 145 -4.21 18.24 -29.35
N GLU A 146 -3.04 17.80 -29.83
CA GLU A 146 -2.40 18.43 -30.99
C GLU A 146 -3.25 18.34 -32.24
N LYS A 147 -3.86 17.18 -32.50
CA LYS A 147 -4.79 17.04 -33.64
C LYS A 147 -5.94 18.04 -33.54
N LEU A 148 -6.48 18.21 -32.35
CA LEU A 148 -7.59 19.13 -32.13
C LEU A 148 -7.16 20.58 -32.30
N ARG A 149 -6.05 20.95 -31.66
CA ARG A 149 -5.52 22.31 -31.76
C ARG A 149 -5.28 22.71 -33.21
N LYS A 150 -4.69 21.79 -33.96
CA LYS A 150 -4.36 21.99 -35.37
C LYS A 150 -5.51 21.72 -36.35
N GLY A 151 -6.69 21.37 -35.85
CA GLY A 151 -7.80 20.93 -36.70
C GLY A 151 -8.95 21.90 -36.91
N SER A 152 -8.69 23.21 -36.77
CA SER A 152 -9.76 24.21 -36.89
C SER A 152 -10.46 24.17 -38.25
N ARG A 153 -9.72 23.84 -39.31
CA ARG A 153 -10.28 23.71 -40.67
C ARG A 153 -11.21 22.50 -40.81
N GLN A 154 -11.05 21.53 -39.92
CA GLN A 154 -11.99 20.39 -39.81
C GLN A 154 -13.00 20.64 -38.68
N ASN A 155 -13.08 21.89 -38.24
CA ASN A 155 -13.97 22.32 -37.15
C ASN A 155 -13.75 21.60 -35.82
N LEU A 156 -12.48 21.29 -35.54
CA LEU A 156 -12.10 20.65 -34.30
C LEU A 156 -11.62 21.70 -33.31
N THR A 157 -11.84 21.44 -32.03
CA THR A 157 -11.39 22.33 -30.96
C THR A 157 -10.92 21.48 -29.77
N ALA A 158 -9.80 21.90 -29.20
CA ALA A 158 -9.21 21.22 -28.06
C ALA A 158 -9.73 21.82 -26.76
N PRO A 159 -9.93 20.98 -25.72
CA PRO A 159 -10.17 21.58 -24.41
C PRO A 159 -8.92 22.32 -23.94
N ALA A 160 -9.09 23.57 -23.53
CA ALA A 160 -7.94 24.40 -23.14
C ALA A 160 -7.46 24.10 -21.72
N THR A 161 -8.31 23.44 -20.93
CA THR A 161 -8.01 23.19 -19.52
C THR A 161 -7.71 21.70 -19.30
N MET A 162 -6.58 21.42 -18.66
CA MET A 162 -6.21 20.07 -18.26
C MET A 162 -6.07 20.03 -16.74
N ILE A 163 -6.81 19.14 -16.10
CA ILE A 163 -6.77 19.02 -14.65
C ILE A 163 -6.26 17.65 -14.25
N ASP A 164 -5.29 17.65 -13.36
CA ASP A 164 -4.80 16.42 -12.76
C ASP A 164 -5.88 15.86 -11.82
N TRP A 165 -6.43 14.68 -12.15
CA TRP A 165 -7.45 14.05 -11.31
C TRP A 165 -6.87 13.36 -10.08
N ARG A 166 -5.55 13.25 -9.99
CA ARG A 166 -4.96 12.50 -8.86
C ARG A 166 -5.37 13.05 -7.48
N PRO A 167 -5.28 14.38 -7.24
CA PRO A 167 -5.76 14.87 -5.94
C PRO A 167 -7.20 14.45 -5.61
N VAL A 168 -8.13 14.59 -6.56
CA VAL A 168 -9.52 14.21 -6.28
C VAL A 168 -9.67 12.69 -6.04
N VAL A 169 -9.03 11.89 -6.87
CA VAL A 169 -9.15 10.43 -6.80
C VAL A 169 -8.46 9.91 -5.54
N HIS A 170 -7.34 10.52 -5.20
CA HIS A 170 -6.59 10.11 -4.02
C HIS A 170 -7.35 10.45 -2.71
N GLU A 171 -8.08 11.55 -2.71
CA GLU A 171 -9.01 11.85 -1.62
C GLU A 171 -10.17 10.83 -1.54
N MET A 172 -10.66 10.39 -2.70
CA MET A 172 -11.66 9.31 -2.71
C MET A 172 -11.10 8.03 -2.08
N ARG A 173 -9.91 7.62 -2.54
CA ARG A 173 -9.25 6.41 -2.07
C ARG A 173 -8.92 6.44 -0.57
N LEU A 174 -8.72 7.64 -0.03
CA LEU A 174 -8.36 7.82 1.38
C LEU A 174 -9.47 7.35 2.37
N PHE A 175 -10.71 7.42 1.90
CA PHE A 175 -11.89 7.03 2.67
C PHE A 175 -12.45 5.74 2.09
N LYS A 176 -12.34 4.67 2.87
CA LYS A 176 -12.76 3.33 2.42
C LYS A 176 -14.26 3.08 2.62
N SER A 177 -14.87 2.41 1.64
CA SER A 177 -16.24 1.91 1.77
C SER A 177 -16.24 0.72 2.73
N PRO A 178 -17.43 0.37 3.26
CA PRO A 178 -17.49 -0.86 4.09
C PRO A 178 -16.93 -2.09 3.34
N GLU A 179 -17.21 -2.18 2.04
CA GLU A 179 -16.73 -3.29 1.22
C GLU A 179 -15.20 -3.30 1.14
N GLU A 180 -14.58 -2.14 0.92
CA GLU A 180 -13.12 -2.03 0.98
C GLU A 180 -12.53 -2.47 2.32
N ILE A 181 -13.17 -2.02 3.40
CA ILE A 181 -12.74 -2.37 4.75
C ILE A 181 -12.83 -3.90 4.93
N ALA A 182 -13.88 -4.53 4.40
CA ALA A 182 -14.03 -6.00 4.50
C ALA A 182 -12.87 -6.71 3.77
N VAL A 183 -12.48 -6.16 2.62
CA VAL A 183 -11.36 -6.75 1.88
C VAL A 183 -10.05 -6.56 2.67
N LEU A 184 -9.84 -5.36 3.17
CA LEU A 184 -8.68 -5.05 4.00
C LEU A 184 -8.63 -5.91 5.26
N ARG A 185 -9.79 -6.18 5.87
CA ARG A 185 -9.86 -7.07 7.04
C ARG A 185 -9.34 -8.48 6.68
N ARG A 186 -9.76 -8.98 5.51
CA ARG A 186 -9.29 -10.27 5.08
C ARG A 186 -7.79 -10.27 4.76
N ALA A 187 -7.31 -9.21 4.10
CA ALA A 187 -5.86 -9.05 3.84
C ALA A 187 -5.10 -9.08 5.17
N GLY A 188 -5.65 -8.40 6.18
CA GLY A 188 -5.02 -8.36 7.52
C GLY A 188 -4.95 -9.73 8.16
N GLU A 189 -6.04 -10.50 8.03
CA GLU A 189 -6.11 -11.86 8.59
C GLU A 189 -5.11 -12.80 7.91
N ILE A 190 -5.08 -12.73 6.59
CA ILE A 190 -4.17 -13.54 5.78
C ILE A 190 -2.72 -13.20 6.14
N THR A 191 -2.43 -11.90 6.21
CA THR A 191 -1.09 -11.45 6.54
C THR A 191 -0.70 -11.90 7.95
N ALA A 192 -1.62 -11.76 8.90
CA ALA A 192 -1.41 -12.23 10.27
C ALA A 192 -1.11 -13.74 10.33
N MET A 193 -1.86 -14.55 9.58
CA MET A 193 -1.62 -16.00 9.57
C MET A 193 -0.21 -16.32 9.09
N ALA A 194 0.25 -15.55 8.10
CA ALA A 194 1.59 -15.73 7.53
C ALA A 194 2.65 -15.41 8.57
N HIS A 195 2.45 -14.33 9.32
CA HIS A 195 3.41 -13.94 10.36
C HIS A 195 3.47 -14.94 11.53
N THR A 196 2.30 -15.43 11.92
CA THR A 196 2.18 -16.51 12.92
C THR A 196 2.98 -17.74 12.45
N ARG A 197 2.77 -18.10 11.19
CA ARG A 197 3.50 -19.20 10.60
C ARG A 197 5.00 -19.00 10.63
N ALA A 198 5.47 -17.79 10.31
CA ALA A 198 6.92 -17.52 10.32
C ALA A 198 7.50 -17.71 11.74
N MET A 199 6.79 -17.21 12.74
CA MET A 199 7.19 -17.42 14.14
C MET A 199 7.23 -18.89 14.54
N GLU A 200 6.25 -19.64 14.09
CA GLU A 200 6.18 -21.07 14.39
C GLU A 200 7.21 -21.93 13.66
N LYS A 201 7.70 -21.44 12.53
CA LYS A 201 8.68 -22.18 11.71
C LYS A 201 10.13 -21.80 11.99
N CYS A 202 10.34 -20.59 12.48
CA CYS A 202 11.70 -20.06 12.66
C CYS A 202 12.53 -20.92 13.60
N ARG A 203 13.71 -21.33 13.14
CA ARG A 203 14.72 -22.00 13.99
C ARG A 203 16.11 -21.44 13.66
N PRO A 204 17.01 -21.43 14.66
CA PRO A 204 18.42 -21.10 14.37
C PRO A 204 18.97 -21.97 13.23
N GLY A 205 19.71 -21.35 12.32
CA GLY A 205 20.33 -22.08 11.20
C GLY A 205 19.53 -22.00 9.91
N MET A 206 18.23 -21.71 10.01
CA MET A 206 17.46 -21.38 8.82
C MET A 206 17.93 -20.07 8.23
N PHE A 207 17.81 -19.93 6.92
CA PHE A 207 18.08 -18.66 6.25
C PHE A 207 16.87 -17.71 6.34
N GLU A 208 17.17 -16.42 6.31
CA GLU A 208 16.14 -15.38 6.36
C GLU A 208 15.11 -15.67 5.25
N TYR A 209 15.59 -16.04 4.07
CA TYR A 209 14.69 -16.30 2.93
C TYR A 209 13.74 -17.48 3.16
N HIS A 210 14.09 -18.41 4.05
CA HIS A 210 13.17 -19.50 4.39
C HIS A 210 11.87 -18.98 4.97
N LEU A 211 11.98 -17.96 5.81
CA LEU A 211 10.79 -17.37 6.39
C LEU A 211 9.94 -16.63 5.34
N GLU A 212 10.62 -15.94 4.43
CA GLU A 212 9.95 -15.38 3.25
C GLU A 212 9.14 -16.47 2.53
N GLY A 213 9.76 -17.63 2.29
CA GLY A 213 9.10 -18.78 1.65
C GLY A 213 7.82 -19.20 2.36
N GLU A 214 7.91 -19.35 3.68
CA GLU A 214 6.74 -19.75 4.48
C GLU A 214 5.61 -18.71 4.36
N ILE A 215 5.98 -17.43 4.46
CA ILE A 215 5.05 -16.31 4.35
C ILE A 215 4.33 -16.29 2.99
N HIS A 216 5.11 -16.35 1.90
CA HIS A 216 4.53 -16.29 0.56
C HIS A 216 3.61 -17.48 0.29
N HIS A 217 3.98 -18.65 0.83
CA HIS A 217 3.16 -19.85 0.67
C HIS A 217 1.81 -19.65 1.38
N GLU A 218 1.86 -19.08 2.58
CA GLU A 218 0.64 -18.80 3.34
C GLU A 218 -0.24 -17.77 2.63
N PHE A 219 0.35 -16.69 2.12
CA PHE A 219 -0.42 -15.76 1.27
C PHE A 219 -1.17 -16.49 0.16
N ASN A 220 -0.42 -17.27 -0.61
CA ASN A 220 -0.95 -18.00 -1.74
C ASN A 220 -2.10 -18.91 -1.38
N ARG A 221 -1.97 -19.64 -0.27
CA ARG A 221 -3.00 -20.63 0.00
C ARG A 221 -4.38 -20.01 0.28
N HIS A 222 -4.39 -18.76 0.73
CA HIS A 222 -5.64 -18.02 0.98
C HIS A 222 -6.09 -17.19 -0.23
N GLY A 223 -5.39 -17.32 -1.35
CA GLY A 223 -5.75 -16.61 -2.58
C GLY A 223 -5.15 -15.23 -2.75
N ALA A 224 -4.15 -14.89 -1.95
CA ALA A 224 -3.38 -13.67 -2.14
C ALA A 224 -2.06 -14.10 -2.81
N ARG A 225 -2.05 -14.15 -4.14
CA ARG A 225 -0.91 -14.72 -4.87
C ARG A 225 0.37 -13.93 -4.67
N TYR A 226 0.26 -12.62 -4.62
CA TYR A 226 1.41 -11.73 -4.59
C TYR A 226 1.50 -10.92 -3.31
N PRO A 227 2.73 -10.70 -2.81
CA PRO A 227 2.92 -9.74 -1.73
C PRO A 227 2.65 -8.31 -2.21
N SER A 228 2.26 -7.45 -1.27
CA SER A 228 2.03 -6.03 -1.59
C SER A 228 3.32 -5.21 -1.68
N TYR A 229 4.43 -5.78 -1.22
CA TYR A 229 5.75 -5.16 -1.30
C TYR A 229 6.78 -6.25 -1.02
N ASN A 230 8.04 -5.97 -1.31
CA ASN A 230 9.08 -7.00 -1.14
C ASN A 230 9.29 -7.31 0.34
N THR A 231 9.09 -8.59 0.68
CA THR A 231 9.22 -9.05 2.05
C THR A 231 10.61 -8.78 2.64
N ILE A 232 10.61 -8.29 3.88
CA ILE A 232 11.80 -7.96 4.66
C ILE A 232 11.93 -9.00 5.77
N VAL A 233 13.07 -9.70 5.79
CA VAL A 233 13.42 -10.65 6.87
C VAL A 233 14.83 -10.32 7.37
N GLY A 234 14.89 -9.41 8.34
CA GLY A 234 16.14 -8.83 8.83
C GLY A 234 16.51 -9.36 10.20
N SER A 235 17.42 -10.33 10.21
CA SER A 235 17.89 -10.90 11.48
C SER A 235 19.19 -10.23 11.95
N GLY A 236 19.37 -10.20 13.28
CA GLY A 236 20.54 -9.54 13.87
C GLY A 236 20.69 -8.12 13.37
N GLU A 237 21.91 -7.78 12.95
CA GLU A 237 22.22 -6.43 12.45
C GLU A 237 21.42 -6.02 11.20
N ASN A 238 20.91 -6.99 10.46
CA ASN A 238 20.10 -6.70 9.28
C ASN A 238 18.76 -6.05 9.68
N GLY A 239 18.31 -6.31 10.92
CA GLY A 239 17.11 -5.69 11.42
C GLY A 239 17.21 -4.18 11.58
N CYS A 240 18.44 -3.66 11.61
CA CYS A 240 18.69 -2.22 11.66
C CYS A 240 18.66 -1.53 10.30
N ILE A 241 18.43 -2.31 9.24
CA ILE A 241 18.28 -1.76 7.89
C ILE A 241 16.80 -1.80 7.55
N LEU A 242 16.22 -0.62 7.31
CA LEU A 242 14.75 -0.49 7.27
C LEU A 242 14.04 -1.32 6.16
N HIS A 243 14.56 -1.27 4.95
CA HIS A 243 14.02 -2.06 3.82
C HIS A 243 15.01 -3.15 3.39
N TYR A 244 15.53 -3.88 4.37
CA TYR A 244 16.41 -5.01 4.10
C TYR A 244 15.62 -6.12 3.38
N THR A 245 15.92 -6.37 2.11
CA THR A 245 15.18 -7.40 1.36
C THR A 245 16.09 -8.48 0.77
N GLU A 246 17.41 -8.38 0.99
CA GLU A 246 18.36 -9.44 0.57
C GLU A 246 17.96 -10.79 1.18
N ASN A 247 17.61 -10.78 2.46
CA ASN A 247 17.13 -12.00 3.17
C ASN A 247 18.04 -13.20 2.93
N GLU A 248 19.34 -12.95 2.97
CA GLU A 248 20.35 -13.90 2.49
C GLU A 248 21.13 -14.58 3.61
N CYS A 249 20.92 -14.15 4.85
CA CYS A 249 21.78 -14.61 5.92
C CYS A 249 21.19 -15.75 6.72
N CSO A 249 20.92 -14.15 4.85
CA CSO A 249 21.78 -14.61 5.92
CB CSO A 249 22.15 -13.46 6.86
SG CSO A 249 23.03 -12.15 6.04
C CSO A 249 21.19 -15.75 6.72
O CSO A 249 19.98 -15.92 6.84
OD CSO A 249 24.30 -12.87 5.69
N GLU A 250 22.09 -16.53 7.29
CA GLU A 250 21.72 -17.58 8.22
C GLU A 250 21.31 -16.92 9.56
N MET A 251 20.15 -17.28 10.06
CA MET A 251 19.62 -16.68 11.28
C MET A 251 20.28 -17.32 12.50
N ARG A 252 20.86 -16.49 13.35
CA ARG A 252 21.70 -16.96 14.47
C ARG A 252 20.94 -17.09 15.77
N ASP A 253 21.19 -18.19 16.47
CA ASP A 253 20.80 -18.37 17.85
C ASP A 253 21.27 -17.16 18.67
N GLY A 254 20.33 -16.45 19.29
CA GLY A 254 20.65 -15.27 20.10
C GLY A 254 20.31 -13.93 19.44
N ASP A 255 20.00 -13.95 18.15
CA ASP A 255 19.60 -12.74 17.44
C ASP A 255 18.07 -12.63 17.37
N LEU A 256 17.60 -11.40 17.20
CA LEU A 256 16.22 -11.14 16.80
C LEU A 256 16.10 -11.24 15.27
N VAL A 257 14.88 -11.49 14.83
CA VAL A 257 14.49 -11.34 13.43
C VAL A 257 13.25 -10.46 13.32
N LEU A 258 13.37 -9.48 12.43
CA LEU A 258 12.32 -8.52 12.11
C LEU A 258 11.74 -8.89 10.75
N ILE A 259 10.45 -9.15 10.73
CA ILE A 259 9.78 -9.55 9.49
C ILE A 259 8.72 -8.48 9.19
N ASP A 260 8.89 -7.83 8.04
CA ASP A 260 7.93 -6.86 7.52
C ASP A 260 7.42 -7.45 6.21
N ALA A 261 6.16 -7.90 6.25
CA ALA A 261 5.53 -8.57 5.09
C ALA A 261 4.02 -8.36 5.06
N GLY A 262 3.50 -8.27 3.84
CA GLY A 262 2.08 -8.05 3.61
C GLY A 262 1.62 -8.63 2.29
N CYS A 263 0.40 -9.15 2.29
CA CYS A 263 -0.17 -9.69 1.06
C CYS A 263 -0.95 -8.63 0.27
N GLU A 264 -1.23 -8.97 -0.99
CA GLU A 264 -2.15 -8.20 -1.79
C GLU A 264 -3.33 -9.11 -2.06
N TYR A 265 -4.47 -8.76 -1.50
CA TYR A 265 -5.65 -9.60 -1.58
C TYR A 265 -6.78 -8.82 -2.26
N LYS A 266 -7.19 -9.30 -3.42
CA LYS A 266 -8.20 -8.59 -4.23
C LYS A 266 -7.85 -7.10 -4.39
N GLY A 267 -6.56 -6.82 -4.62
CA GLY A 267 -6.08 -5.44 -4.83
C GLY A 267 -5.61 -4.68 -3.58
N TYR A 268 -6.01 -5.15 -2.41
CA TYR A 268 -5.76 -4.43 -1.14
C TYR A 268 -4.62 -5.06 -0.34
N ALA A 269 -3.85 -4.18 0.31
CA ALA A 269 -2.64 -4.57 1.01
C ALA A 269 -2.84 -4.82 2.50
N GLY A 270 -2.21 -5.87 2.99
CA GLY A 270 -1.82 -5.98 4.37
C GLY A 270 -0.39 -5.43 4.52
N ASP A 271 -0.01 -5.12 5.76
CA ASP A 271 1.30 -4.57 6.04
C ASP A 271 1.59 -4.76 7.54
N ILE A 272 2.25 -5.85 7.86
CA ILE A 272 2.54 -6.22 9.26
C ILE A 272 4.04 -6.34 9.47
N THR A 273 4.52 -5.85 10.63
CA THR A 273 5.87 -6.14 11.10
C THR A 273 5.76 -6.80 12.47
N ARG A 274 6.48 -7.90 12.61
CA ARG A 274 6.75 -8.50 13.91
C ARG A 274 8.24 -8.76 14.05
N THR A 275 8.74 -8.55 15.26
CA THR A 275 10.12 -8.85 15.58
C THR A 275 10.09 -9.87 16.73
N PHE A 276 10.93 -10.89 16.63
CA PHE A 276 10.95 -11.95 17.64
C PHE A 276 12.30 -12.65 17.71
N PRO A 277 12.58 -13.31 18.84
CA PRO A 277 13.85 -14.03 18.96
C PRO A 277 13.92 -15.26 18.06
N VAL A 278 15.02 -15.39 17.31
CA VAL A 278 15.23 -16.55 16.45
C VAL A 278 15.13 -17.87 17.25
N ASN A 279 15.67 -17.87 18.48
CA ASN A 279 15.65 -19.06 19.35
C ASN A 279 14.44 -19.19 20.27
N GLY A 280 13.45 -18.31 20.11
CA GLY A 280 12.22 -18.37 20.89
C GLY A 280 12.23 -17.68 22.25
N LYS A 281 13.38 -17.11 22.64
CA LYS A 281 13.51 -16.45 23.94
C LYS A 281 14.25 -15.11 23.85
N PHE A 282 13.56 -14.02 24.17
CA PHE A 282 14.18 -12.69 24.23
C PHE A 282 15.27 -12.70 25.31
N THR A 283 16.43 -12.13 24.99
CA THR A 283 17.40 -11.79 26.02
C THR A 283 16.87 -10.59 26.80
N GLN A 284 17.50 -10.30 27.94
CA GLN A 284 17.12 -9.14 28.75
C GLN A 284 17.24 -7.84 27.95
N ALA A 285 18.37 -7.66 27.29
CA ALA A 285 18.59 -6.46 26.47
C ALA A 285 17.53 -6.32 25.38
N GLN A 286 17.25 -7.43 24.69
CA GLN A 286 16.24 -7.45 23.63
C GLN A 286 14.86 -7.10 24.18
N ARG A 287 14.52 -7.70 25.31
CA ARG A 287 13.25 -7.44 25.97
C ARG A 287 13.09 -5.97 26.39
N GLU A 288 14.18 -5.36 26.88
CA GLU A 288 14.16 -3.96 27.30
C GLU A 288 13.84 -3.00 26.15
N ILE A 289 14.43 -3.24 24.98
CA ILE A 289 14.11 -2.43 23.81
C ILE A 289 12.68 -2.77 23.31
N TYR A 290 12.36 -4.05 23.27
CA TYR A 290 11.06 -4.53 22.79
C TYR A 290 9.92 -3.88 23.57
N ASP A 291 10.05 -3.82 24.89
CA ASP A 291 8.99 -3.25 25.74
C ASP A 291 8.66 -1.81 25.39
N ILE A 292 9.67 -1.03 25.04
CA ILE A 292 9.47 0.37 24.68
C ILE A 292 8.69 0.48 23.38
N VAL A 293 9.08 -0.31 22.38
CA VAL A 293 8.40 -0.30 21.09
C VAL A 293 6.93 -0.79 21.27
N LEU A 294 6.75 -1.84 22.05
CA LEU A 294 5.40 -2.37 22.30
C LEU A 294 4.51 -1.37 23.04
N GLU A 295 5.05 -0.71 24.06
CA GLU A 295 4.30 0.32 24.78
C GLU A 295 3.89 1.44 23.81
N SER A 296 4.82 1.83 22.94
CA SER A 296 4.54 2.80 21.88
C SER A 296 3.35 2.38 20.99
N LEU A 297 3.36 1.12 20.55
CA LEU A 297 2.26 0.62 19.71
C LEU A 297 0.94 0.54 20.48
N GLU A 298 1.00 -0.05 21.68
CA GLU A 298 -0.20 -0.22 22.50
C GLU A 298 -0.86 1.12 22.86
N THR A 299 -0.05 2.11 23.21
CA THR A 299 -0.57 3.45 23.49
C THR A 299 -1.22 4.07 22.23
N SER A 300 -0.53 3.95 21.10
CA SER A 300 -1.04 4.41 19.80
C SER A 300 -2.40 3.78 19.46
N LEU A 301 -2.52 2.47 19.72
CA LEU A 301 -3.77 1.76 19.45
C LEU A 301 -4.91 2.21 20.37
N ARG A 302 -4.59 2.57 21.62
CA ARG A 302 -5.59 3.16 22.54
C ARG A 302 -6.06 4.53 22.06
N LEU A 303 -5.12 5.31 21.51
CA LEU A 303 -5.34 6.73 21.19
C LEU A 303 -5.98 6.98 19.82
N TYR A 304 -5.59 6.23 18.79
CA TYR A 304 -6.10 6.53 17.46
C TYR A 304 -7.63 6.48 17.36
N ARG A 305 -8.19 7.57 16.84
CA ARG A 305 -9.62 7.83 16.83
C ARG A 305 -9.91 9.04 15.96
N PRO A 306 -11.19 9.23 15.59
CA PRO A 306 -11.50 10.49 14.91
C PRO A 306 -11.19 11.72 15.78
N GLY A 307 -10.59 12.73 15.16
CA GLY A 307 -10.34 13.99 15.82
C GLY A 307 -8.93 14.18 16.33
N THR A 308 -8.16 13.09 16.43
CA THR A 308 -6.72 13.22 16.67
C THR A 308 -6.00 13.18 15.31
N SER A 309 -4.67 13.06 15.36
CA SER A 309 -3.85 13.04 14.17
C SER A 309 -2.64 12.16 14.40
N ILE A 310 -2.02 11.76 13.30
CA ILE A 310 -0.78 11.01 13.32
C ILE A 310 0.28 11.82 14.08
N LEU A 311 0.33 13.13 13.83
CA LEU A 311 1.28 14.01 14.53
C LEU A 311 1.09 14.00 16.06
N GLU A 312 -0.16 14.15 16.50
CA GLU A 312 -0.48 14.15 17.93
C GLU A 312 -0.07 12.83 18.59
N VAL A 313 -0.45 11.72 17.97
CA VAL A 313 -0.13 10.40 18.53
C VAL A 313 1.39 10.17 18.51
N THR A 314 2.06 10.62 17.45
CA THR A 314 3.52 10.56 17.35
C THR A 314 4.21 11.24 18.56
N GLY A 315 3.70 12.38 19.00
CA GLY A 315 4.21 13.07 20.19
C GLY A 315 4.21 12.18 21.43
N GLU A 316 3.13 11.43 21.61
CA GLU A 316 3.01 10.50 22.73
C GLU A 316 4.06 9.38 22.64
N VAL A 317 4.21 8.84 21.44
CA VAL A 317 5.21 7.82 21.14
C VAL A 317 6.64 8.33 21.41
N VAL A 318 6.95 9.54 20.94
CA VAL A 318 8.27 10.12 21.17
C VAL A 318 8.59 10.20 22.67
N ARG A 319 7.62 10.61 23.49
CA ARG A 319 7.83 10.68 24.94
C ARG A 319 8.08 9.30 25.56
N ILE A 320 7.29 8.31 25.14
CA ILE A 320 7.50 6.94 25.59
C ILE A 320 8.91 6.46 25.23
N MET A 321 9.35 6.77 24.02
CA MET A 321 10.66 6.32 23.55
C MET A 321 11.79 6.99 24.32
N VAL A 322 11.75 8.32 24.38
CA VAL A 322 12.78 9.08 25.09
C VAL A 322 12.86 8.63 26.54
N SER A 323 11.71 8.53 27.21
CA SER A 323 11.66 8.08 28.61
C SER A 323 12.31 6.71 28.80
N GLY A 324 11.97 5.77 27.93
CA GLY A 324 12.50 4.42 28.02
C GLY A 324 14.00 4.37 27.75
N LEU A 325 14.45 5.11 26.74
CA LEU A 325 15.87 5.15 26.40
C LEU A 325 16.72 5.80 27.49
N VAL A 326 16.17 6.81 28.17
CA VAL A 326 16.84 7.44 29.30
C VAL A 326 16.98 6.42 30.45
N LYS A 327 15.90 5.71 30.73
CA LYS A 327 15.88 4.69 31.77
C LYS A 327 16.95 3.61 31.55
N LEU A 328 17.23 3.26 30.31
CA LEU A 328 18.24 2.23 29.98
C LEU A 328 19.67 2.77 29.80
N GLY A 329 19.84 4.09 29.90
CA GLY A 329 21.15 4.73 29.67
C GLY A 329 21.55 4.88 28.21
N ILE A 330 20.63 4.67 27.28
CA ILE A 330 20.89 4.86 25.85
C ILE A 330 20.91 6.36 25.51
N LEU A 331 19.98 7.11 26.11
CA LEU A 331 19.99 8.57 26.09
C LEU A 331 20.31 9.06 27.48
N LYS A 332 20.89 10.25 27.57
CA LYS A 332 21.25 10.84 28.85
C LYS A 332 20.76 12.28 28.92
N GLY A 333 20.07 12.60 30.00
CA GLY A 333 19.65 13.97 30.26
C GLY A 333 18.21 14.08 30.66
N ASP A 334 17.69 15.31 30.55
CA ASP A 334 16.32 15.62 30.91
C ASP A 334 15.39 15.20 29.74
N VAL A 335 14.34 14.46 30.08
CA VAL A 335 13.42 13.92 29.06
C VAL A 335 12.83 15.02 28.18
N ASP A 336 12.33 16.10 28.81
CA ASP A 336 11.71 17.19 28.06
C ASP A 336 12.71 17.91 27.15
N GLU A 337 13.92 18.14 27.65
CA GLU A 337 14.98 18.74 26.83
C GLU A 337 15.34 17.80 25.66
N LEU A 338 15.46 16.51 25.95
CA LEU A 338 15.75 15.50 24.94
C LEU A 338 14.63 15.41 23.89
N ILE A 339 13.38 15.47 24.34
CA ILE A 339 12.24 15.52 23.41
C ILE A 339 12.37 16.76 22.54
N ALA A 340 12.66 17.91 23.16
CA ALA A 340 12.83 19.17 22.43
C ALA A 340 13.96 19.11 21.41
N GLN A 341 14.98 18.30 21.69
CA GLN A 341 16.11 18.10 20.77
C GLN A 341 15.88 16.98 19.72
N ASN A 342 14.69 16.38 19.72
CA ASN A 342 14.41 15.20 18.89
C ASN A 342 15.51 14.15 19.02
N ALA A 343 15.93 13.91 20.26
CA ALA A 343 17.06 13.04 20.57
C ALA A 343 16.79 11.55 20.27
N HIS A 344 15.52 11.21 20.07
CA HIS A 344 15.12 9.87 19.65
C HIS A 344 15.46 9.53 18.20
N ARG A 345 15.71 10.55 17.37
CA ARG A 345 15.82 10.38 15.91
CA ARG A 345 15.81 10.36 15.91
C ARG A 345 16.90 9.41 15.42
N PRO A 346 18.04 9.32 16.12
CA PRO A 346 19.04 8.31 15.73
C PRO A 346 18.53 6.87 15.86
N PHE A 347 17.51 6.64 16.69
CA PHE A 347 16.99 5.30 16.97
C PHE A 347 15.60 5.06 16.39
N PHE A 348 14.80 6.12 16.24
CA PHE A 348 13.49 6.03 15.58
C PHE A 348 13.45 7.13 14.52
N MET A 349 13.77 6.77 13.28
CA MET A 349 14.05 7.76 12.24
C MET A 349 12.97 7.87 11.18
N HIS A 350 11.89 7.13 11.33
CA HIS A 350 10.82 7.13 10.35
C HIS A 350 9.49 7.52 10.99
N GLY A 351 8.47 7.63 10.14
CA GLY A 351 7.12 8.01 10.60
C GLY A 351 6.42 6.87 11.32
N LEU A 352 5.47 7.23 12.17
CA LEU A 352 4.71 6.25 12.95
C LEU A 352 3.64 5.54 12.12
N SER A 353 3.09 6.26 11.13
CA SER A 353 1.89 5.79 10.42
C SER A 353 1.86 6.22 8.98
N ALA A 354 1.42 5.31 8.13
CA ALA A 354 1.24 5.58 6.72
C ALA A 354 -0.16 5.09 6.34
N TRP A 355 -0.78 5.76 5.37
CA TRP A 355 -2.06 5.31 4.83
C TRP A 355 -1.89 3.92 4.19
N LEU A 356 -2.99 3.18 4.17
CA LEU A 356 -3.00 1.81 3.64
C LEU A 356 -4.26 1.62 2.78
N GLY A 357 -4.13 0.94 1.65
CA GLY A 357 -5.28 0.66 0.79
C GLY A 357 -4.87 -0.23 -0.36
N LEU A 358 -5.08 0.25 -1.58
CA LEU A 358 -4.63 -0.43 -2.79
C LEU A 358 -3.10 -0.47 -2.89
N ASP A 359 -2.46 0.45 -2.18
CA ASP A 359 -1.02 0.48 -2.02
C ASP A 359 -0.67 0.58 -0.54
N VAL A 360 0.47 0.02 -0.18
CA VAL A 360 1.14 0.41 1.03
C VAL A 360 1.73 1.80 0.78
N HIS A 361 1.86 2.58 1.85
CA HIS A 361 2.10 4.00 1.71
C HIS A 361 1.08 4.53 0.72
N ASP A 362 -0.18 4.32 1.10
CA ASP A 362 -1.29 4.62 0.22
C ASP A 362 -1.39 6.12 -0.06
N VAL A 363 -2.15 6.43 -1.09
CA VAL A 363 -2.41 7.81 -1.48
C VAL A 363 -3.25 8.58 -0.45
N GLY A 364 -3.23 9.90 -0.55
CA GLY A 364 -4.02 10.79 0.30
C GLY A 364 -3.15 11.81 1.04
N VAL A 365 -3.72 12.99 1.21
CA VAL A 365 -3.01 14.11 1.84
C VAL A 365 -2.90 13.95 3.38
N TYR A 366 -1.67 14.00 3.88
CA TYR A 366 -1.34 13.85 5.32
C TYR A 366 -1.45 15.14 6.14
N GLY A 367 -1.39 16.29 5.46
CA GLY A 367 -1.22 17.58 6.15
C GLY A 367 0.23 17.76 6.55
N GLN A 368 0.61 19.00 6.89
CA GLN A 368 1.98 19.28 7.31
C GLN A 368 2.35 18.44 8.54
N ASP A 369 3.47 17.72 8.47
CA ASP A 369 3.93 16.82 9.54
C ASP A 369 2.90 15.77 9.96
N ARG A 370 2.06 15.36 9.00
CA ARG A 370 0.98 14.39 9.23
C ARG A 370 -0.02 14.87 10.29
N SER A 371 -0.39 16.14 10.17
CA SER A 371 -1.26 16.79 11.15
C SER A 371 -2.75 16.71 10.79
N ARG A 372 -3.08 16.11 9.64
CA ARG A 372 -4.48 16.02 9.22
C ARG A 372 -5.37 15.33 10.29
N ILE A 373 -6.53 15.93 10.55
CA ILE A 373 -7.45 15.34 11.51
C ILE A 373 -8.05 14.04 10.98
N LEU A 374 -7.95 12.98 11.78
CA LEU A 374 -8.46 11.67 11.39
C LEU A 374 -9.98 11.60 11.44
N GLU A 375 -10.53 10.88 10.47
CA GLU A 375 -11.97 10.67 10.34
C GLU A 375 -12.26 9.19 10.05
N PRO A 376 -13.50 8.74 10.36
CA PRO A 376 -13.86 7.36 10.08
C PRO A 376 -13.64 6.99 8.62
N GLY A 377 -13.14 5.79 8.39
CA GLY A 377 -12.94 5.28 7.03
C GLY A 377 -11.50 5.36 6.56
N MET A 378 -10.68 6.10 7.29
CA MET A 378 -9.25 6.14 7.00
C MET A 378 -8.61 4.88 7.53
N VAL A 379 -7.65 4.36 6.78
CA VAL A 379 -6.93 3.13 7.09
C VAL A 379 -5.44 3.44 7.12
N LEU A 380 -4.77 3.01 8.17
CA LEU A 380 -3.37 3.37 8.39
C LEU A 380 -2.59 2.32 9.15
N THR A 381 -1.29 2.34 8.95
CA THR A 381 -0.38 1.51 9.73
C THR A 381 0.00 2.22 11.01
N VAL A 382 0.47 1.44 11.97
CA VAL A 382 1.02 1.97 13.21
C VAL A 382 2.29 1.15 13.45
N GLU A 383 3.44 1.80 13.31
CA GLU A 383 4.71 1.09 13.13
C GLU A 383 5.88 1.72 13.89
N PRO A 384 5.78 1.82 15.22
CA PRO A 384 6.94 2.30 15.99
C PRO A 384 8.09 1.29 15.85
N GLY A 385 9.31 1.79 15.96
CA GLY A 385 10.50 0.94 15.96
C GLY A 385 11.64 1.64 16.69
N LEU A 386 12.60 0.82 17.11
CA LEU A 386 13.89 1.29 17.63
C LEU A 386 14.99 0.47 16.99
N TYR A 387 16.00 1.16 16.48
CA TYR A 387 17.10 0.54 15.75
C TYR A 387 18.38 1.06 16.33
N ILE A 388 19.12 0.17 16.99
CA ILE A 388 20.37 0.51 17.68
C ILE A 388 21.51 -0.07 16.86
N ALA A 389 22.22 0.79 16.14
CA ALA A 389 23.29 0.35 15.22
C ALA A 389 24.40 -0.42 15.96
N PRO A 390 25.05 -1.37 15.24
CA PRO A 390 26.16 -2.16 15.81
C PRO A 390 27.28 -1.33 16.42
N ASP A 391 27.45 -0.09 15.94
CA ASP A 391 28.51 0.81 16.40
C ASP A 391 27.97 2.01 17.18
N ALA A 392 26.71 1.95 17.61
CA ALA A 392 26.12 3.05 18.38
C ALA A 392 26.85 3.26 19.70
N GLU A 393 26.96 4.53 20.11
CA GLU A 393 27.62 4.89 21.36
C GLU A 393 26.63 4.74 22.51
N VAL A 394 26.36 3.49 22.85
CA VAL A 394 25.35 3.14 23.86
C VAL A 394 25.88 1.93 24.61
N PRO A 395 25.27 1.59 25.77
CA PRO A 395 25.68 0.36 26.45
C PRO A 395 25.74 -0.81 25.48
N GLU A 396 26.85 -1.54 25.50
CA GLU A 396 27.18 -2.52 24.46
C GLU A 396 26.10 -3.57 24.20
N GLN A 397 25.35 -3.93 25.24
CA GLN A 397 24.36 -5.00 25.12
C GLN A 397 23.20 -4.68 24.17
N TYR A 398 23.03 -3.40 23.84
CA TYR A 398 21.94 -2.96 22.96
C TYR A 398 22.33 -2.84 21.48
N ARG A 399 23.63 -2.87 21.19
CA ARG A 399 24.12 -2.67 19.82
C ARG A 399 23.65 -3.77 18.87
N GLY A 400 23.20 -3.37 17.69
CA GLY A 400 22.77 -4.33 16.68
C GLY A 400 21.35 -4.85 16.85
N ILE A 401 20.55 -4.17 17.68
CA ILE A 401 19.15 -4.53 17.90
C ILE A 401 18.24 -3.65 17.04
N GLY A 402 17.48 -4.29 16.17
CA GLY A 402 16.47 -3.64 15.34
C GLY A 402 15.11 -4.25 15.59
N ILE A 403 14.20 -3.44 16.12
CA ILE A 403 12.85 -3.89 16.47
C ILE A 403 11.80 -2.94 15.89
N ARG A 404 10.84 -3.51 15.16
CA ARG A 404 9.65 -2.79 14.76
C ARG A 404 8.44 -3.70 14.96
N ILE A 405 7.33 -3.11 15.36
CA ILE A 405 6.07 -3.84 15.53
C ILE A 405 4.99 -2.98 14.90
N GLU A 406 4.25 -3.55 13.97
CA GLU A 406 3.37 -2.79 13.10
C GLU A 406 2.04 -3.53 12.95
N ASP A 407 0.97 -2.79 13.19
CA ASP A 407 -0.41 -3.24 12.94
C ASP A 407 -1.06 -2.29 11.92
N ASP A 408 -2.14 -2.76 11.32
CA ASP A 408 -2.97 -1.99 10.40
C ASP A 408 -4.31 -1.76 11.08
N ILE A 409 -4.75 -0.51 11.04
CA ILE A 409 -6.02 -0.13 11.67
C ILE A 409 -6.92 0.66 10.73
N VAL A 410 -8.21 0.62 11.07
CA VAL A 410 -9.19 1.48 10.42
CA VAL A 410 -9.26 1.40 10.43
C VAL A 410 -9.83 2.36 11.48
N ILE A 411 -9.89 3.65 11.17
CA ILE A 411 -10.55 4.62 12.05
C ILE A 411 -12.07 4.38 11.95
N THR A 412 -12.72 4.29 13.11
CA THR A 412 -14.14 4.02 13.21
C THR A 412 -14.80 5.21 13.91
N GLU A 413 -16.12 5.16 14.07
CA GLU A 413 -16.82 6.29 14.69
C GLU A 413 -16.35 6.48 16.12
N THR A 414 -15.94 5.40 16.77
CA THR A 414 -15.68 5.38 18.20
C THR A 414 -14.21 5.15 18.57
N GLY A 415 -13.32 5.04 17.58
CA GLY A 415 -11.93 4.76 17.88
C GLY A 415 -11.26 4.16 16.66
N ASN A 416 -10.74 2.96 16.82
CA ASN A 416 -10.22 2.22 15.68
C ASN A 416 -10.46 0.73 15.83
N GLU A 417 -10.39 0.04 14.70
CA GLU A 417 -10.42 -1.42 14.65
C GLU A 417 -9.05 -1.90 14.16
N ASN A 418 -8.47 -2.82 14.92
CA ASN A 418 -7.16 -3.37 14.60
C ASN A 418 -7.37 -4.55 13.69
N LEU A 419 -6.87 -4.45 12.47
CA LEU A 419 -7.05 -5.53 11.49
C LEU A 419 -6.05 -6.70 11.62
N THR A 420 -5.01 -6.53 12.43
CA THR A 420 -3.88 -7.48 12.43
C THR A 420 -3.51 -7.97 13.85
N ALA A 421 -4.44 -7.83 14.79
CA ALA A 421 -4.19 -8.27 16.17
C ALA A 421 -4.23 -9.80 16.35
N SER A 422 -4.60 -10.56 15.33
CA SER A 422 -4.65 -12.03 15.41
C SER A 422 -3.26 -12.66 15.26
N VAL A 423 -2.22 -11.85 15.06
CA VAL A 423 -0.85 -12.35 15.27
C VAL A 423 -0.28 -11.67 16.53
N VAL A 424 0.24 -12.50 17.43
CA VAL A 424 0.63 -12.02 18.75
C VAL A 424 1.79 -11.02 18.69
N LYS A 425 1.85 -10.17 19.71
CA LYS A 425 2.95 -9.21 19.85
C LYS A 425 3.45 -8.99 21.29
N LYS A 426 2.66 -9.32 22.30
CA LYS A 426 3.17 -9.31 23.67
C LYS A 426 4.32 -10.33 23.80
N PRO A 427 5.45 -9.93 24.42
CA PRO A 427 6.64 -10.78 24.40
C PRO A 427 6.39 -12.17 25.01
N GLU A 428 5.62 -12.23 26.09
CA GLU A 428 5.29 -13.51 26.73
C GLU A 428 4.43 -14.39 25.79
N GLU A 429 3.61 -13.76 24.95
CA GLU A 429 2.79 -14.52 24.00
C GLU A 429 3.61 -15.03 22.81
N ILE A 430 4.53 -14.20 22.32
CA ILE A 430 5.50 -14.62 21.32
C ILE A 430 6.30 -15.84 21.83
N GLU A 431 6.86 -15.73 23.04
CA GLU A 431 7.64 -16.83 23.62
C GLU A 431 6.81 -18.10 23.75
N ALA A 432 5.59 -17.98 24.28
CA ALA A 432 4.71 -19.16 24.43
C ALA A 432 4.40 -19.81 23.06
N LEU A 433 4.13 -19.00 22.03
CA LEU A 433 3.84 -19.51 20.69
C LEU A 433 5.03 -20.31 20.15
N MET A 434 6.22 -19.73 20.32
CA MET A 434 7.44 -20.34 19.79
C MET A 434 7.85 -21.57 20.60
N VAL A 435 7.72 -21.51 21.92
CA VAL A 435 7.94 -22.68 22.79
C VAL A 435 7.07 -23.86 22.33
N ALA A 436 5.79 -23.60 22.10
CA ALA A 436 4.84 -24.64 21.66
C ALA A 436 5.25 -25.22 20.30
N ALA A 437 5.63 -24.34 19.37
CA ALA A 437 6.06 -24.78 18.04
C ALA A 437 7.36 -25.59 18.11
N ARG A 438 8.28 -25.15 18.97
CA ARG A 438 9.62 -25.79 19.09
C ARG A 438 9.58 -27.18 19.72
N LYS A 439 8.48 -27.51 20.38
CA LYS A 439 8.23 -28.83 20.98
C LYS A 439 7.73 -29.86 19.97
N GLN A 440 7.41 -29.39 18.76
CA GLN A 440 7.00 -30.28 17.69
C GLN A 440 8.18 -30.62 16.78
MN MN B . 5.57 -2.37 6.97
CL CL C . -6.30 -3.77 -29.80
#